data_5TYL
#
_entry.id   5TYL
#
_cell.length_a   48.767
_cell.length_b   101.399
_cell.length_c   223.537
_cell.angle_alpha   90.00
_cell.angle_beta   90.00
_cell.angle_gamma   90.00
#
_symmetry.space_group_name_H-M   'C 2 2 21'
#
loop_
_entity.id
_entity.type
_entity.pdbx_description
1 polymer 'Carboxylic ester hydrolase'
2 non-polymer 'naphthalen-2-ylboronic acid'
3 water water
#
_entity_poly.entity_id   1
_entity_poly.type   'polypeptide(L)'
_entity_poly.pdbx_seq_one_letter_code
;MHHHHHHMNFNVSLMEKLKWKIKCIENKFLNYRLTTNETVVAETEYGKVKGVKRLTVYDDSYYSFEGIPYAQPPVGELRF
KAPQRPTPWAGVRDCCNHKDKSVQVDFITGKVCGSEDCLYLSVYTNNLNPETKRPVLVYIHGGGFIIGENHRDMYGPDYF
IKKDVVLINIQYRLGALGFLSLNSEDLNVPGNAGLKDQVMALRWIKNNCANFGGNPDNITVFGESAGAASTHYMMLTEQT
RGLFHRGILMSGNAICPWANTQCQHRAFTLAKLAGYKGEDNDKDVLEFLMKAKPQDLIKLEEKVLTLEERTNKVMFPFGP
TVEPYQTADCVLPKHPREMVKTAWGNSIPTMMGNTSYEGLFFTSILKQMPLLVKELETCVNFVPSELADAERTAPETLEM
GAKIKKAHVTGETPTADNFMDLCSHFYFWFPMHRLLQLRFNHTSGTPVYLYRFDFDSEDLINPYRIMRSGRGVKGVSHTD
ELTYFFWNQLAKRMPKESREYKTIERMTGIWTQFATTGNPYSNEIEGMENVSWDPIEKSDEVYKCLNISDELKMIDVPEM
GKIKQWESMFEKHRDLF
;
_entity_poly.pdbx_strand_id   A
#
loop_
_chem_comp.id
_chem_comp.type
_chem_comp.name
_chem_comp.formula
7N7 non-polymer 'naphthalen-2-ylboronic acid' 'C10 H9 B O2'
#
# COMPACT_ATOMS: atom_id res chain seq x y z
N VAL A 12 -7.29 18.95 10.21
CA VAL A 12 -6.27 18.91 11.26
C VAL A 12 -6.65 19.86 12.41
N SER A 13 -6.88 19.26 13.58
CA SER A 13 -7.27 20.02 14.76
C SER A 13 -6.23 19.82 15.86
N LEU A 14 -5.96 20.88 16.62
CA LEU A 14 -4.83 20.89 17.55
C LEU A 14 -5.09 20.06 18.81
N MET A 15 -6.36 19.76 19.07
CA MET A 15 -6.70 18.72 20.05
C MET A 15 -6.09 17.41 19.61
N GLU A 16 -6.30 17.11 18.32
CA GLU A 16 -5.77 15.89 17.71
C GLU A 16 -4.25 15.96 17.59
N LYS A 17 -3.68 17.19 17.61
CA LYS A 17 -2.23 17.37 17.54
C LYS A 17 -1.53 17.25 18.89
N LEU A 18 -2.11 17.86 19.92
CA LEU A 18 -1.54 17.72 21.26
C LEU A 18 -1.70 16.28 21.75
N LYS A 19 -2.87 15.68 21.50
CA LYS A 19 -3.09 14.28 21.82
C LYS A 19 -2.20 13.34 21.02
N TRP A 20 -1.85 13.77 19.80
CA TRP A 20 -0.90 13.04 19.00
C TRP A 20 0.49 13.24 19.57
N LYS A 21 0.79 14.48 19.97
CA LYS A 21 2.08 14.84 20.55
C LYS A 21 2.35 14.07 21.85
N ILE A 22 1.33 13.98 22.70
CA ILE A 22 1.43 13.26 23.96
C ILE A 22 1.55 11.76 23.71
N LYS A 23 0.74 11.25 22.78
CA LYS A 23 0.80 9.83 22.43
C LYS A 23 2.15 9.49 21.80
N CYS A 24 2.76 10.49 21.16
CA CYS A 24 4.12 10.35 20.64
C CYS A 24 5.12 10.34 21.80
N ILE A 25 4.81 11.10 22.85
CA ILE A 25 5.65 11.12 24.06
C ILE A 25 5.47 9.82 24.84
N GLU A 26 4.25 9.30 24.84
CA GLU A 26 3.96 8.02 25.48
C GLU A 26 4.67 6.89 24.74
N ASN A 27 4.68 6.97 23.41
CA ASN A 27 5.31 5.93 22.58
C ASN A 27 6.82 5.87 22.81
N LYS A 28 7.44 7.04 22.91
CA LYS A 28 8.86 7.14 23.24
C LYS A 28 9.20 6.43 24.55
N PHE A 29 8.45 6.79 25.59
CA PHE A 29 8.63 6.20 26.92
C PHE A 29 8.31 4.70 26.93
N LEU A 30 7.18 4.32 26.33
CA LEU A 30 6.79 2.90 26.26
C LEU A 30 7.76 2.08 25.41
N ASN A 31 8.31 2.68 24.35
CA ASN A 31 9.30 1.99 23.52
C ASN A 31 10.55 1.70 24.34
N TYR A 32 10.95 2.65 25.16
CA TYR A 32 12.13 2.45 26.00
C TYR A 32 11.87 1.34 27.02
N ARG A 33 10.68 1.38 27.63
CA ARG A 33 10.31 0.40 28.64
C ARG A 33 10.31 -1.02 28.08
N LEU A 34 9.84 -1.17 26.85
CA LEU A 34 9.74 -2.49 26.23
C LEU A 34 11.05 -2.94 25.60
N THR A 35 12.08 -2.10 25.70
CA THR A 35 13.39 -2.53 25.23
C THR A 35 14.02 -3.41 26.31
N THR A 36 14.89 -4.33 25.87
CA THR A 36 15.62 -5.22 26.78
C THR A 36 17.14 -5.07 26.57
N ASN A 37 17.94 -5.58 27.51
CA ASN A 37 19.40 -5.49 27.37
C ASN A 37 19.95 -6.59 26.49
N GLU A 38 19.06 -7.41 25.93
CA GLU A 38 19.48 -8.55 25.16
C GLU A 38 19.75 -8.16 23.72
N THR A 39 20.96 -7.69 23.46
CA THR A 39 21.37 -7.33 22.11
C THR A 39 21.93 -8.57 21.43
N VAL A 40 21.91 -8.56 20.09
CA VAL A 40 22.35 -9.71 19.30
C VAL A 40 22.91 -9.23 17.96
N VAL A 41 23.77 -10.06 17.36
CA VAL A 41 24.36 -9.72 16.08
C VAL A 41 24.09 -10.79 15.02
N ALA A 42 23.64 -10.35 13.84
CA ALA A 42 23.45 -11.26 12.71
C ALA A 42 24.34 -10.88 11.52
N GLU A 43 24.62 -11.87 10.68
CA GLU A 43 25.33 -11.64 9.43
C GLU A 43 24.42 -11.08 8.33
N THR A 44 24.98 -10.21 7.51
CA THR A 44 24.36 -9.81 6.24
C THR A 44 25.43 -9.82 5.18
N GLU A 45 25.03 -9.88 3.91
CA GLU A 45 26.01 -9.87 2.82
C GLU A 45 26.72 -8.52 2.75
N TYR A 46 26.26 -7.52 3.50
CA TYR A 46 26.96 -6.24 3.56
C TYR A 46 27.70 -6.11 4.87
N GLY A 47 27.63 -7.14 5.71
CA GLY A 47 28.34 -7.12 6.97
C GLY A 47 27.44 -7.29 8.17
N LYS A 48 28.02 -7.23 9.36
CA LYS A 48 27.32 -7.57 10.59
C LYS A 48 26.39 -6.45 11.08
N VAL A 49 25.20 -6.83 11.53
CA VAL A 49 24.27 -5.87 12.11
C VAL A 49 23.87 -6.29 13.52
N LYS A 50 23.67 -5.31 14.38
CA LYS A 50 23.27 -5.57 15.76
C LYS A 50 21.82 -5.24 16.02
N GLY A 51 21.05 -6.23 16.48
CA GLY A 51 19.68 -5.96 16.86
C GLY A 51 19.48 -6.05 18.35
N VAL A 52 18.24 -5.97 18.79
CA VAL A 52 17.92 -6.13 20.19
C VAL A 52 16.54 -6.80 20.33
N LYS A 53 16.29 -7.45 21.48
CA LYS A 53 14.98 -8.03 21.74
C LYS A 53 14.05 -7.02 22.40
N ARG A 54 12.77 -7.06 22.03
CA ARG A 54 11.79 -6.13 22.58
C ARG A 54 10.59 -6.88 23.13
N LEU A 55 9.81 -6.19 23.96
CA LEU A 55 8.62 -6.80 24.52
C LEU A 55 7.35 -6.21 23.89
N THR A 56 6.25 -6.93 24.05
CA THR A 56 4.93 -6.49 23.59
C THR A 56 4.00 -6.36 24.77
N VAL A 57 2.91 -5.61 24.62
CA VAL A 57 2.00 -5.46 25.74
C VAL A 57 1.31 -6.78 26.10
N TYR A 58 1.39 -7.79 25.22
CA TYR A 58 0.87 -9.12 25.54
C TYR A 58 1.97 -10.01 26.13
N ASP A 59 3.03 -9.37 26.62
CA ASP A 59 4.14 -10.07 27.26
C ASP A 59 4.79 -11.12 26.36
N ASP A 60 4.79 -10.87 25.05
CA ASP A 60 5.60 -11.67 24.10
C ASP A 60 6.95 -10.96 23.92
N SER A 61 7.86 -11.56 23.15
CA SER A 61 9.12 -10.93 22.83
C SER A 61 9.61 -11.28 21.42
N TYR A 62 10.33 -10.35 20.81
CA TYR A 62 10.88 -10.55 19.47
C TYR A 62 12.23 -9.86 19.33
N TYR A 63 13.10 -10.40 18.49
CA TYR A 63 14.36 -9.73 18.14
C TYR A 63 14.07 -8.65 17.08
N SER A 64 14.66 -7.48 17.26
CA SER A 64 14.33 -6.34 16.42
C SER A 64 15.58 -5.76 15.76
N PHE A 65 15.57 -5.70 14.43
CA PHE A 65 16.65 -5.08 13.67
C PHE A 65 16.04 -4.00 12.80
N GLU A 66 16.39 -2.74 13.05
CA GLU A 66 15.88 -1.63 12.24
C GLU A 66 17.01 -0.80 11.68
N GLY A 67 16.75 -0.04 10.63
CA GLY A 67 17.81 0.72 10.02
C GLY A 67 18.82 -0.09 9.23
N ILE A 68 18.38 -1.22 8.69
CA ILE A 68 19.23 -1.94 7.74
C ILE A 68 19.11 -1.29 6.35
N PRO A 69 20.22 -0.73 5.84
CA PRO A 69 20.17 -0.14 4.50
C PRO A 69 20.22 -1.17 3.38
N TYR A 70 19.30 -1.07 2.42
CA TYR A 70 19.34 -1.95 1.27
C TYR A 70 19.78 -1.16 0.04
N ALA A 71 20.08 0.11 0.28
CA ALA A 71 20.47 0.99 -0.80
C ALA A 71 21.37 2.12 -0.30
N GLN A 72 22.12 2.70 -1.23
CA GLN A 72 22.82 3.95 -1.00
C GLN A 72 21.81 5.04 -0.69
N PRO A 73 22.07 5.86 0.34
CA PRO A 73 21.23 7.04 0.58
C PRO A 73 21.10 7.85 -0.72
N PRO A 74 19.86 8.10 -1.18
CA PRO A 74 19.67 8.71 -2.49
C PRO A 74 19.74 10.24 -2.43
N VAL A 75 20.84 10.77 -1.93
CA VAL A 75 20.97 12.22 -1.81
C VAL A 75 21.91 12.75 -2.90
N GLY A 76 22.00 14.08 -3.01
CA GLY A 76 22.84 14.73 -4.00
C GLY A 76 22.51 14.30 -5.41
N GLU A 77 23.51 13.75 -6.09
CA GLU A 77 23.35 13.36 -7.48
C GLU A 77 22.49 12.10 -7.63
N LEU A 78 22.22 11.41 -6.53
CA LEU A 78 21.36 10.23 -6.59
C LEU A 78 19.87 10.55 -6.48
N ARG A 79 19.53 11.81 -6.15
CA ARG A 79 18.11 12.21 -6.04
C ARG A 79 17.43 12.02 -7.40
N PHE A 80 16.21 11.45 -7.35
CA PHE A 80 15.38 11.09 -8.51
C PHE A 80 15.95 9.93 -9.34
N LYS A 81 17.06 9.35 -8.91
CA LYS A 81 17.68 8.24 -9.63
C LYS A 81 17.30 6.89 -9.01
N ALA A 82 17.40 5.82 -9.80
CA ALA A 82 17.32 4.44 -9.28
C ALA A 82 18.29 4.22 -8.12
N PRO A 83 17.89 3.37 -7.15
CA PRO A 83 18.78 3.15 -5.99
C PRO A 83 20.04 2.38 -6.38
N GLN A 84 21.13 2.61 -5.63
CA GLN A 84 22.37 1.86 -5.83
C GLN A 84 22.65 0.98 -4.63
N ARG A 85 23.23 -0.19 -4.89
CA ARG A 85 23.68 -1.08 -3.81
C ARG A 85 24.47 -0.28 -2.78
N PRO A 86 24.21 -0.53 -1.50
CA PRO A 86 24.90 0.15 -0.41
C PRO A 86 26.36 -0.30 -0.28
N THR A 87 27.15 0.43 0.50
CA THR A 87 28.57 0.11 0.66
C THR A 87 28.77 -0.78 1.87
N PRO A 88 29.51 -1.88 1.69
CA PRO A 88 29.74 -2.77 2.83
C PRO A 88 30.61 -2.10 3.89
N TRP A 89 30.52 -2.60 5.11
CA TRP A 89 31.31 -2.06 6.20
C TRP A 89 32.05 -3.20 6.90
N ALA A 90 33.21 -2.88 7.45
CA ALA A 90 33.84 -3.74 8.45
C ALA A 90 33.14 -3.46 9.77
N GLY A 91 33.23 -4.39 10.71
CA GLY A 91 32.61 -4.20 12.01
C GLY A 91 31.10 -4.41 12.01
N VAL A 92 30.45 -3.84 13.02
CA VAL A 92 29.03 -4.03 13.23
C VAL A 92 28.20 -2.75 13.12
N ARG A 93 27.27 -2.72 12.17
CA ARG A 93 26.32 -1.63 12.07
C ARG A 93 25.30 -1.68 13.22
N ASP A 94 25.05 -0.53 13.83
CA ASP A 94 24.03 -0.44 14.87
C ASP A 94 22.64 -0.52 14.24
N CYS A 95 21.83 -1.48 14.67
CA CYS A 95 20.46 -1.54 14.17
C CYS A 95 19.45 -1.65 15.31
N CYS A 96 19.72 -0.99 16.43
CA CYS A 96 18.81 -1.05 17.56
C CYS A 96 17.89 0.15 17.62
N ASN A 97 17.90 0.92 16.54
CA ASN A 97 17.08 2.12 16.43
C ASN A 97 16.56 2.25 15.02
N HIS A 98 15.39 2.85 14.88
CA HIS A 98 14.85 3.07 13.54
C HIS A 98 15.52 4.26 12.88
N LYS A 99 15.42 4.32 11.56
CA LYS A 99 15.91 5.45 10.80
C LYS A 99 14.77 6.45 10.59
N ASP A 100 14.94 7.45 9.74
CA ASP A 100 13.82 8.36 9.53
C ASP A 100 12.94 7.84 8.40
N LYS A 101 11.73 8.38 8.31
CA LYS A 101 10.79 8.04 7.24
C LYS A 101 11.06 8.93 6.02
N SER A 102 10.57 8.52 4.86
CA SER A 102 10.77 9.28 3.62
C SER A 102 10.16 10.68 3.73
N VAL A 103 10.77 11.68 3.11
CA VAL A 103 10.23 13.03 3.24
C VAL A 103 8.76 13.10 2.82
N GLN A 104 7.92 13.67 3.67
CA GLN A 104 6.50 13.65 3.47
C GLN A 104 5.82 14.67 4.37
N VAL A 105 4.57 14.99 4.06
CA VAL A 105 3.80 15.87 4.93
C VAL A 105 3.19 15.03 6.03
N ASP A 106 3.50 15.35 7.27
CA ASP A 106 2.86 14.68 8.39
C ASP A 106 1.37 14.94 8.32
N PHE A 107 0.59 13.87 8.18
CA PHE A 107 -0.85 13.99 7.96
C PHE A 107 -1.60 14.47 9.20
N ILE A 108 -0.95 14.53 10.35
CA ILE A 108 -1.53 15.17 11.53
C ILE A 108 -1.07 16.61 11.67
N THR A 109 0.23 16.80 11.93
CA THR A 109 0.76 18.13 12.19
C THR A 109 0.67 19.06 10.96
N GLY A 110 0.82 18.48 9.77
CA GLY A 110 0.68 19.25 8.55
C GLY A 110 1.98 19.88 8.09
N LYS A 111 3.05 19.64 8.86
CA LYS A 111 4.39 20.12 8.52
C LYS A 111 5.17 19.00 7.83
N VAL A 112 6.15 19.37 7.04
CA VAL A 112 7.00 18.38 6.40
C VAL A 112 7.89 17.69 7.44
N CYS A 113 8.01 16.37 7.37
CA CYS A 113 8.89 15.63 8.25
C CYS A 113 9.65 14.58 7.46
N GLY A 114 10.56 13.86 8.14
CA GLY A 114 11.31 12.79 7.53
C GLY A 114 12.60 13.21 6.86
N SER A 115 13.20 12.29 6.11
CA SER A 115 14.53 12.54 5.54
C SER A 115 14.74 11.93 4.17
N GLU A 116 15.63 12.54 3.39
CA GLU A 116 16.03 11.93 2.14
C GLU A 116 16.80 10.62 2.35
N ASP A 117 17.37 10.48 3.55
CA ASP A 117 18.10 9.25 3.91
C ASP A 117 17.11 8.28 4.55
N CYS A 118 16.43 7.50 3.73
CA CYS A 118 15.29 6.73 4.23
C CYS A 118 15.17 5.32 3.66
N LEU A 119 16.18 4.86 2.93
CA LEU A 119 16.06 3.58 2.27
C LEU A 119 16.53 2.45 3.20
N TYR A 120 15.67 2.09 4.14
CA TYR A 120 15.99 1.06 5.12
C TYR A 120 14.85 0.06 5.26
N LEU A 121 15.18 -1.14 5.75
CA LEU A 121 14.16 -2.09 6.14
C LEU A 121 14.40 -2.55 7.57
N SER A 122 13.35 -3.11 8.19
CA SER A 122 13.42 -3.66 9.52
C SER A 122 13.12 -5.16 9.48
N VAL A 123 13.85 -5.94 10.29
CA VAL A 123 13.62 -7.39 10.36
C VAL A 123 13.19 -7.75 11.77
N TYR A 124 12.14 -8.57 11.91
CA TYR A 124 11.70 -9.07 13.22
C TYR A 124 11.46 -10.58 13.21
N THR A 125 11.66 -11.22 14.37
CA THR A 125 11.34 -12.64 14.58
C THR A 125 11.42 -13.03 16.07
N ASN A 126 10.54 -13.92 16.52
CA ASN A 126 10.51 -14.31 17.93
C ASN A 126 11.69 -15.21 18.29
N ASN A 127 12.45 -15.59 17.27
CA ASN A 127 13.51 -16.59 17.43
C ASN A 127 14.56 -16.50 16.33
N LEU A 128 15.73 -16.00 16.68
CA LEU A 128 16.77 -15.84 15.70
C LEU A 128 17.28 -17.19 15.23
N ASN A 129 17.15 -18.21 16.09
CA ASN A 129 17.59 -19.56 15.76
C ASN A 129 16.49 -20.61 15.76
N PRO A 130 15.62 -20.57 14.73
CA PRO A 130 14.53 -21.54 14.61
C PRO A 130 15.05 -22.90 14.20
N GLU A 131 14.40 -23.96 14.64
CA GLU A 131 14.83 -25.30 14.27
C GLU A 131 14.46 -25.62 12.82
N THR A 132 13.46 -24.92 12.28
CA THR A 132 13.14 -25.02 10.85
C THR A 132 13.21 -23.64 10.15
N LYS A 133 13.58 -23.64 8.87
CA LYS A 133 13.52 -22.44 8.05
C LYS A 133 12.09 -21.88 7.99
N ARG A 134 11.94 -20.59 8.30
CA ARG A 134 10.61 -20.02 8.48
C ARG A 134 10.09 -19.25 7.26
N PRO A 135 8.75 -19.16 7.14
CA PRO A 135 8.14 -18.32 6.09
C PRO A 135 8.48 -16.84 6.32
N VAL A 136 8.73 -16.10 5.25
CA VAL A 136 9.15 -14.69 5.36
C VAL A 136 8.08 -13.78 4.75
N LEU A 137 7.52 -12.91 5.57
CA LEU A 137 6.49 -11.99 5.11
C LEU A 137 7.09 -10.60 4.99
N VAL A 138 6.92 -10.00 3.83
CA VAL A 138 7.49 -8.67 3.55
C VAL A 138 6.35 -7.68 3.43
N TYR A 139 6.23 -6.74 4.36
CA TYR A 139 5.13 -5.76 4.27
C TYR A 139 5.55 -4.49 3.53
N ILE A 140 4.72 -4.04 2.59
CA ILE A 140 4.88 -2.73 1.95
C ILE A 140 3.72 -1.80 2.36
N HIS A 141 4.04 -0.72 3.08
CA HIS A 141 3.02 0.17 3.59
C HIS A 141 2.34 0.96 2.45
N GLY A 142 1.08 1.30 2.68
CA GLY A 142 0.37 2.24 1.81
C GLY A 142 0.61 3.69 2.21
N GLY A 143 -0.25 4.57 1.71
CA GLY A 143 -0.10 6.00 1.93
C GLY A 143 -0.09 6.81 0.64
N GLY A 144 -0.74 6.28 -0.40
CA GLY A 144 -0.86 6.95 -1.68
C GLY A 144 0.45 7.23 -2.41
N PHE A 145 1.50 6.53 -1.98
CA PHE A 145 2.86 6.74 -2.46
C PHE A 145 3.37 8.13 -2.04
N ILE A 146 2.67 8.79 -1.12
CA ILE A 146 3.15 10.08 -0.59
C ILE A 146 3.32 10.14 0.91
N ILE A 147 2.73 9.21 1.67
CA ILE A 147 3.07 9.15 3.09
C ILE A 147 3.35 7.72 3.47
N GLY A 148 3.92 7.56 4.65
CA GLY A 148 4.08 6.25 5.28
C GLY A 148 5.47 5.96 5.78
N GLU A 149 5.59 4.88 6.55
CA GLU A 149 6.80 4.57 7.32
C GLU A 149 6.86 3.09 7.65
N ASN A 150 8.04 2.63 8.08
CA ASN A 150 8.14 1.30 8.70
C ASN A 150 8.41 1.41 10.20
N HIS A 151 8.08 2.57 10.75
CA HIS A 151 8.18 2.79 12.20
C HIS A 151 7.16 1.95 12.98
N ARG A 152 7.56 1.47 14.16
CA ARG A 152 6.71 0.54 14.87
C ARG A 152 5.58 1.26 15.59
N ASP A 153 5.56 2.60 15.52
CA ASP A 153 4.46 3.40 16.06
C ASP A 153 3.23 3.33 15.13
N MET A 154 3.47 2.87 13.91
N MET A 154 3.48 2.90 13.90
CA MET A 154 2.38 2.67 12.97
CA MET A 154 2.43 2.72 12.91
C MET A 154 2.31 1.22 12.54
C MET A 154 2.32 1.25 12.50
N TYR A 155 3.47 0.61 12.30
CA TYR A 155 3.49 -0.80 11.89
C TYR A 155 4.32 -1.71 12.79
N GLY A 156 3.88 -1.86 14.04
CA GLY A 156 4.56 -2.71 15.00
C GLY A 156 4.24 -4.18 14.74
N PRO A 157 5.27 -5.03 14.79
CA PRO A 157 5.21 -6.46 14.49
C PRO A 157 4.68 -7.30 15.65
N ASP A 158 4.23 -6.65 16.72
CA ASP A 158 3.92 -7.29 18.01
C ASP A 158 2.90 -8.42 17.91
N TYR A 159 2.07 -8.38 16.88
CA TYR A 159 1.01 -9.37 16.71
C TYR A 159 1.55 -10.52 15.91
N PHE A 160 2.20 -10.21 14.79
CA PHE A 160 2.72 -11.23 13.88
C PHE A 160 3.80 -12.09 14.54
N ILE A 161 4.52 -11.53 15.51
CA ILE A 161 5.61 -12.29 16.12
C ILE A 161 5.08 -13.33 17.11
N LYS A 162 3.79 -13.28 17.43
CA LYS A 162 3.15 -14.40 18.13
C LYS A 162 3.28 -15.67 17.28
N LYS A 163 3.39 -15.47 15.96
CA LYS A 163 3.56 -16.58 15.03
C LYS A 163 5.03 -16.81 14.67
N ASP A 164 5.34 -18.03 14.26
CA ASP A 164 6.70 -18.41 13.92
C ASP A 164 7.03 -18.07 12.48
N VAL A 165 7.09 -16.77 12.22
CA VAL A 165 7.48 -16.25 10.91
C VAL A 165 8.63 -15.26 11.07
N VAL A 166 9.22 -14.87 9.95
CA VAL A 166 10.05 -13.67 9.94
C VAL A 166 9.30 -12.55 9.19
N LEU A 167 9.08 -11.42 9.86
CA LEU A 167 8.37 -10.27 9.27
C LEU A 167 9.30 -9.11 8.95
N ILE A 168 9.23 -8.63 7.71
CA ILE A 168 10.12 -7.55 7.27
C ILE A 168 9.28 -6.38 6.75
N ASN A 169 9.61 -5.18 7.24
CA ASN A 169 8.90 -3.95 6.88
C ASN A 169 9.83 -2.99 6.15
N ILE A 170 9.47 -2.61 4.92
CA ILE A 170 10.39 -1.79 4.15
C ILE A 170 9.92 -0.33 4.05
N GLN A 171 10.86 0.58 3.81
CA GLN A 171 10.52 1.92 3.32
C GLN A 171 10.96 2.05 1.89
N TYR A 172 10.54 3.15 1.25
CA TYR A 172 10.83 3.44 -0.14
C TYR A 172 10.48 4.91 -0.43
N ARG A 173 11.10 5.51 -1.43
CA ARG A 173 10.94 6.95 -1.62
C ARG A 173 9.49 7.33 -1.97
N LEU A 174 8.99 8.42 -1.37
CA LEU A 174 7.62 8.87 -1.57
C LEU A 174 7.57 10.16 -2.38
N GLY A 175 6.40 10.42 -3.01
CA GLY A 175 6.10 11.66 -3.69
C GLY A 175 7.06 12.02 -4.80
N ALA A 176 7.36 13.30 -4.96
CA ALA A 176 8.17 13.70 -6.11
C ALA A 176 9.57 13.13 -6.02
N LEU A 177 10.10 12.94 -4.82
CA LEU A 177 11.41 12.34 -4.67
C LEU A 177 11.43 10.86 -5.07
N GLY A 178 10.27 10.21 -4.98
CA GLY A 178 10.18 8.82 -5.40
C GLY A 178 9.74 8.61 -6.83
N PHE A 179 8.97 9.57 -7.36
CA PHE A 179 8.29 9.30 -8.63
C PHE A 179 8.33 10.43 -9.66
N LEU A 180 9.34 11.29 -9.55
CA LEU A 180 9.62 12.24 -10.63
C LEU A 180 9.88 11.45 -11.91
N SER A 181 9.37 11.95 -13.04
CA SER A 181 9.67 11.33 -14.31
C SER A 181 9.89 12.33 -15.43
N LEU A 182 10.96 12.15 -16.18
CA LEU A 182 11.32 13.05 -17.27
C LEU A 182 11.57 12.29 -18.59
N ASN A 183 11.02 12.82 -19.68
CA ASN A 183 11.08 12.18 -20.98
C ASN A 183 12.49 12.06 -21.53
N SER A 184 13.37 12.97 -21.13
CA SER A 184 14.69 13.07 -21.74
C SER A 184 15.64 11.96 -21.31
N GLU A 185 15.99 11.11 -22.27
CA GLU A 185 16.75 9.90 -21.99
C GLU A 185 18.15 10.20 -21.44
N ASP A 186 18.65 11.39 -21.74
CA ASP A 186 19.96 11.82 -21.26
C ASP A 186 20.04 11.94 -19.74
N LEU A 187 18.91 12.21 -19.10
CA LEU A 187 18.92 12.62 -17.68
C LEU A 187 18.81 11.46 -16.68
N ASN A 188 18.40 10.28 -17.16
CA ASN A 188 18.34 9.09 -16.32
C ASN A 188 17.32 9.25 -15.18
N VAL A 189 16.24 9.97 -15.45
CA VAL A 189 15.10 10.03 -14.52
C VAL A 189 13.85 9.52 -15.24
N PRO A 190 13.82 8.22 -15.58
CA PRO A 190 12.62 7.74 -16.27
C PRO A 190 11.40 7.69 -15.36
N GLY A 191 11.63 7.65 -14.05
CA GLY A 191 10.52 7.50 -13.11
C GLY A 191 10.60 6.26 -12.22
N ASN A 192 9.58 6.07 -11.38
CA ASN A 192 9.43 4.92 -10.48
C ASN A 192 10.64 4.59 -9.64
N ALA A 193 11.37 5.60 -9.20
CA ALA A 193 12.50 5.37 -8.30
C ALA A 193 12.03 4.58 -7.07
N GLY A 194 10.90 4.98 -6.52
CA GLY A 194 10.42 4.35 -5.29
C GLY A 194 10.06 2.89 -5.44
N LEU A 195 9.58 2.51 -6.63
CA LEU A 195 9.28 1.12 -6.94
C LEU A 195 10.61 0.36 -7.10
N LYS A 196 11.60 1.06 -7.66
CA LYS A 196 12.93 0.49 -7.79
C LYS A 196 13.58 0.30 -6.42
N ASP A 197 13.30 1.22 -5.50
CA ASP A 197 13.67 1.02 -4.11
C ASP A 197 13.10 -0.33 -3.61
N GLN A 198 11.80 -0.54 -3.84
CA GLN A 198 11.15 -1.79 -3.46
C GLN A 198 11.84 -3.03 -4.07
N VAL A 199 12.20 -2.95 -5.33
CA VAL A 199 12.86 -4.07 -5.99
C VAL A 199 14.19 -4.38 -5.32
N MET A 200 14.95 -3.35 -4.99
CA MET A 200 16.25 -3.60 -4.37
C MET A 200 16.11 -4.18 -2.97
N ALA A 201 15.09 -3.74 -2.22
CA ALA A 201 14.83 -4.26 -0.87
C ALA A 201 14.40 -5.73 -0.92
N LEU A 202 13.67 -6.10 -1.96
CA LEU A 202 13.28 -7.49 -2.15
C LEU A 202 14.49 -8.35 -2.47
N ARG A 203 15.35 -7.87 -3.36
CA ARG A 203 16.60 -8.54 -3.71
C ARG A 203 17.48 -8.71 -2.47
N TRP A 204 17.45 -7.73 -1.56
CA TRP A 204 18.18 -7.86 -0.31
C TRP A 204 17.59 -8.97 0.55
N ILE A 205 16.26 -9.02 0.58
CA ILE A 205 15.53 -9.96 1.42
C ILE A 205 15.77 -11.40 0.95
N LYS A 206 15.72 -11.61 -0.36
CA LYS A 206 16.01 -12.90 -0.95
C LYS A 206 17.40 -13.41 -0.56
N ASN A 207 18.36 -12.49 -0.41
CA ASN A 207 19.74 -12.88 -0.17
C ASN A 207 20.18 -12.81 1.29
N ASN A 208 19.29 -12.39 2.19
CA ASN A 208 19.68 -12.25 3.58
C ASN A 208 18.69 -12.75 4.64
N CYS A 209 17.51 -13.21 4.23
CA CYS A 209 16.50 -13.61 5.20
C CYS A 209 16.92 -14.90 5.90
N ALA A 210 17.67 -15.73 5.20
CA ALA A 210 18.22 -16.95 5.79
C ALA A 210 19.03 -16.65 7.05
N ASN A 211 19.71 -15.49 7.06
CA ASN A 211 20.53 -15.07 8.19
C ASN A 211 19.73 -14.83 9.45
N PHE A 212 18.42 -14.65 9.29
CA PHE A 212 17.55 -14.34 10.41
C PHE A 212 16.61 -15.51 10.66
N GLY A 213 16.89 -16.61 9.99
CA GLY A 213 16.15 -17.84 10.17
C GLY A 213 15.02 -18.01 9.18
N GLY A 214 15.05 -17.22 8.11
CA GLY A 214 13.97 -17.28 7.13
C GLY A 214 14.26 -18.13 5.90
N ASN A 215 13.24 -18.83 5.42
CA ASN A 215 13.36 -19.62 4.19
C ASN A 215 13.29 -18.76 2.93
N PRO A 216 14.41 -18.63 2.20
CA PRO A 216 14.37 -17.76 1.02
C PRO A 216 13.59 -18.40 -0.13
N ASP A 217 13.10 -19.60 0.09
CA ASP A 217 12.28 -20.25 -0.93
C ASP A 217 10.80 -20.21 -0.58
N ASN A 218 10.45 -19.45 0.45
CA ASN A 218 9.06 -19.27 0.86
C ASN A 218 8.80 -17.85 1.41
N ILE A 219 8.86 -16.88 0.52
CA ILE A 219 8.68 -15.46 0.86
C ILE A 219 7.31 -14.98 0.35
N THR A 220 6.55 -14.31 1.21
CA THR A 220 5.29 -13.71 0.82
C THR A 220 5.40 -12.18 0.81
N VAL A 221 5.02 -11.51 -0.26
CA VAL A 221 4.92 -10.04 -0.20
C VAL A 221 3.47 -9.62 -0.03
N PHE A 222 3.22 -8.65 0.84
CA PHE A 222 1.86 -8.14 1.06
C PHE A 222 1.88 -6.65 1.42
N GLY A 223 0.75 -5.97 1.21
CA GLY A 223 0.65 -4.53 1.40
C GLY A 223 -0.79 -4.06 1.28
N GLU A 224 -1.09 -2.93 1.90
CA GLU A 224 -2.44 -2.38 1.86
C GLU A 224 -2.44 -1.02 1.12
N SER A 225 -3.53 -0.69 0.41
CA SER A 225 -3.53 0.53 -0.41
C SER A 225 -2.40 0.59 -1.43
N ALA A 226 -1.68 1.71 -1.41
CA ALA A 226 -0.54 1.85 -2.31
C ALA A 226 0.48 0.73 -2.08
N GLY A 227 0.52 0.16 -0.87
CA GLY A 227 1.30 -1.06 -0.65
C GLY A 227 0.76 -2.27 -1.42
N ALA A 228 -0.55 -2.34 -1.64
CA ALA A 228 -1.15 -3.43 -2.41
C ALA A 228 -0.85 -3.25 -3.90
N ALA A 229 -1.07 -2.03 -4.39
CA ALA A 229 -0.63 -1.67 -5.73
C ALA A 229 0.87 -1.95 -5.91
N SER A 230 1.68 -1.58 -4.92
CA SER A 230 3.11 -1.92 -4.93
C SER A 230 3.39 -3.41 -5.02
N THR A 231 2.72 -4.18 -4.16
CA THR A 231 2.90 -5.62 -4.15
C THR A 231 2.59 -6.16 -5.53
N HIS A 232 1.55 -5.59 -6.16
CA HIS A 232 1.14 -6.02 -7.48
C HIS A 232 2.22 -5.69 -8.51
N TYR A 233 2.71 -4.45 -8.50
CA TYR A 233 3.86 -4.07 -9.33
C TYR A 233 5.06 -5.01 -9.15
N MET A 234 5.32 -5.45 -7.91
CA MET A 234 6.42 -6.39 -7.69
C MET A 234 6.08 -7.76 -8.34
N MET A 235 4.78 -8.05 -8.48
CA MET A 235 4.36 -9.30 -9.17
C MET A 235 4.32 -9.15 -10.69
N LEU A 236 4.25 -7.91 -11.16
CA LEU A 236 4.15 -7.64 -12.59
C LEU A 236 5.50 -7.52 -13.31
N THR A 237 6.47 -6.88 -12.66
CA THR A 237 7.74 -6.54 -13.29
C THR A 237 8.67 -7.75 -13.44
N GLU A 238 9.39 -7.80 -14.56
CA GLU A 238 10.32 -8.89 -14.83
C GLU A 238 11.53 -8.78 -13.94
N GLN A 239 11.71 -7.61 -13.33
CA GLN A 239 12.86 -7.34 -12.47
C GLN A 239 12.92 -8.26 -11.27
N THR A 240 11.75 -8.75 -10.84
CA THR A 240 11.63 -9.47 -9.56
C THR A 240 11.35 -10.95 -9.69
N ARG A 241 11.33 -11.45 -10.93
CA ARG A 241 10.96 -12.82 -11.24
C ARG A 241 11.51 -13.84 -10.25
N GLY A 242 10.61 -14.58 -9.62
CA GLY A 242 10.97 -15.67 -8.74
C GLY A 242 11.45 -15.26 -7.37
N LEU A 243 11.55 -13.95 -7.13
CA LEU A 243 12.06 -13.46 -5.86
C LEU A 243 11.14 -13.82 -4.68
N PHE A 244 9.89 -14.15 -4.95
CA PHE A 244 8.98 -14.53 -3.86
C PHE A 244 7.84 -15.43 -4.36
N HIS A 245 7.04 -15.96 -3.43
CA HIS A 245 6.23 -17.12 -3.79
C HIS A 245 4.73 -17.03 -3.51
N ARG A 246 4.33 -16.01 -2.76
CA ARG A 246 2.90 -15.72 -2.56
C ARG A 246 2.71 -14.21 -2.56
N GLY A 247 1.52 -13.75 -2.89
CA GLY A 247 1.21 -12.32 -2.89
C GLY A 247 -0.14 -12.01 -2.28
N ILE A 248 -0.20 -10.98 -1.44
CA ILE A 248 -1.50 -10.55 -0.89
C ILE A 248 -1.76 -9.07 -1.21
N LEU A 249 -2.83 -8.82 -1.98
CA LEU A 249 -3.25 -7.47 -2.31
C LEU A 249 -4.41 -7.01 -1.44
N MET A 250 -4.10 -6.15 -0.47
CA MET A 250 -5.09 -5.68 0.49
C MET A 250 -5.63 -4.32 0.07
N SER A 251 -6.87 -4.29 -0.44
CA SER A 251 -7.51 -3.03 -0.86
C SER A 251 -6.70 -2.26 -1.90
N GLY A 252 -6.26 -2.93 -2.96
CA GLY A 252 -5.50 -2.26 -4.00
C GLY A 252 -4.79 -3.18 -4.96
N ASN A 253 -4.54 -2.64 -6.15
CA ASN A 253 -3.73 -3.31 -7.16
C ASN A 253 -3.26 -2.26 -8.18
N ALA A 254 -2.46 -2.68 -9.16
CA ALA A 254 -1.81 -1.74 -10.07
C ALA A 254 -2.72 -1.15 -11.14
N ILE A 255 -3.93 -1.69 -11.31
CA ILE A 255 -4.75 -1.05 -12.32
C ILE A 255 -5.83 -0.15 -11.69
N CYS A 256 -5.86 -0.02 -10.37
CA CYS A 256 -6.66 1.04 -9.76
C CYS A 256 -6.30 2.41 -10.36
N PRO A 257 -7.29 3.28 -10.55
CA PRO A 257 -7.01 4.51 -11.30
C PRO A 257 -6.00 5.41 -10.55
N TRP A 258 -5.97 5.34 -9.22
CA TRP A 258 -5.06 6.15 -8.38
C TRP A 258 -3.61 5.59 -8.29
N ALA A 259 -3.39 4.39 -8.82
CA ALA A 259 -2.11 3.68 -8.63
C ALA A 259 -1.07 3.99 -9.71
N ASN A 260 -1.46 4.73 -10.74
CA ASN A 260 -0.50 5.20 -11.73
C ASN A 260 -0.95 6.50 -12.39
N THR A 261 0.01 7.27 -12.89
CA THR A 261 -0.29 8.51 -13.58
C THR A 261 0.83 8.81 -14.58
N GLN A 262 0.50 9.43 -15.72
CA GLN A 262 1.54 9.90 -16.62
C GLN A 262 1.96 11.32 -16.20
N CYS A 263 3.04 11.41 -15.42
CA CYS A 263 3.33 12.65 -14.72
C CYS A 263 4.52 13.43 -15.30
N GLN A 264 4.92 13.09 -16.52
CA GLN A 264 6.15 13.65 -17.12
C GLN A 264 6.11 15.16 -17.34
N HIS A 265 4.93 15.71 -17.59
CA HIS A 265 4.77 17.15 -17.74
C HIS A 265 4.77 17.92 -16.43
N ARG A 266 4.57 17.21 -15.31
CA ARG A 266 4.37 17.87 -14.03
C ARG A 266 5.65 18.30 -13.30
N ALA A 267 6.82 17.83 -13.74
CA ALA A 267 8.07 18.25 -13.08
C ALA A 267 8.31 19.75 -13.25
N PHE A 268 8.03 20.24 -14.45
CA PHE A 268 8.12 21.67 -14.74
C PHE A 268 7.21 22.50 -13.83
N THR A 269 6.02 21.98 -13.60
CA THR A 269 5.04 22.67 -12.76
C THR A 269 5.50 22.77 -11.31
N LEU A 270 6.07 21.67 -10.83
CA LEU A 270 6.71 21.66 -9.51
C LEU A 270 7.85 22.68 -9.39
N ALA A 271 8.73 22.66 -10.38
CA ALA A 271 9.85 23.59 -10.41
C ALA A 271 9.36 25.03 -10.35
N LYS A 272 8.33 25.34 -11.14
CA LYS A 272 7.78 26.69 -11.22
C LYS A 272 7.10 27.10 -9.91
N LEU A 273 6.39 26.16 -9.28
CA LEU A 273 5.87 26.41 -7.94
C LEU A 273 7.01 26.71 -6.96
N ALA A 274 8.18 26.15 -7.23
CA ALA A 274 9.32 26.33 -6.31
C ALA A 274 10.19 27.53 -6.70
N GLY A 275 9.83 28.23 -7.79
CA GLY A 275 10.50 29.46 -8.18
C GLY A 275 11.51 29.32 -9.30
N TYR A 276 11.38 28.25 -10.08
CA TYR A 276 12.25 28.05 -11.23
C TYR A 276 12.01 29.18 -12.25
N LYS A 277 13.10 29.72 -12.80
CA LYS A 277 13.01 30.74 -13.85
C LYS A 277 13.73 30.26 -15.08
N GLY A 278 13.01 30.13 -16.18
CA GLY A 278 13.57 29.66 -17.42
C GLY A 278 12.46 28.97 -18.18
N GLU A 279 12.82 28.16 -19.16
CA GLU A 279 11.85 27.51 -20.04
C GLU A 279 11.57 26.07 -19.62
N ASP A 280 10.60 25.45 -20.28
CA ASP A 280 10.32 24.05 -19.99
C ASP A 280 11.19 23.15 -20.84
N ASN A 281 12.33 22.74 -20.28
CA ASN A 281 13.10 21.64 -20.84
C ASN A 281 13.64 20.78 -19.69
N ASP A 282 13.64 19.46 -19.91
CA ASP A 282 13.88 18.51 -18.82
C ASP A 282 15.21 18.76 -18.10
N LYS A 283 16.24 19.15 -18.83
CA LYS A 283 17.56 19.32 -18.20
C LYS A 283 17.51 20.40 -17.13
N ASP A 284 17.14 21.62 -17.52
CA ASP A 284 17.14 22.73 -16.60
C ASP A 284 16.13 22.57 -15.48
N VAL A 285 14.99 21.96 -15.79
CA VAL A 285 14.01 21.66 -14.75
C VAL A 285 14.66 20.76 -13.70
N LEU A 286 15.32 19.69 -14.18
CA LEU A 286 16.00 18.76 -13.29
C LEU A 286 17.11 19.44 -12.49
N GLU A 287 17.97 20.21 -13.14
CA GLU A 287 19.07 20.87 -12.40
C GLU A 287 18.53 21.70 -11.24
N PHE A 288 17.46 22.45 -11.49
CA PHE A 288 16.79 23.21 -10.44
C PHE A 288 16.24 22.27 -9.37
N LEU A 289 15.48 21.25 -9.77
CA LEU A 289 14.90 20.33 -8.79
C LEU A 289 15.93 19.61 -7.94
N MET A 290 17.12 19.39 -8.50
CA MET A 290 18.21 18.75 -7.77
C MET A 290 18.75 19.59 -6.61
N LYS A 291 18.57 20.91 -6.69
CA LYS A 291 19.18 21.82 -5.72
C LYS A 291 18.18 22.28 -4.66
N ALA A 292 16.89 22.09 -4.93
CA ALA A 292 15.87 22.57 -4.02
C ALA A 292 15.92 21.80 -2.71
N LYS A 293 15.50 22.43 -1.62
CA LYS A 293 15.41 21.71 -0.36
C LYS A 293 14.29 20.68 -0.51
N PRO A 294 14.51 19.48 0.04
CA PRO A 294 13.53 18.41 -0.19
C PRO A 294 12.18 18.76 0.43
N GLN A 295 12.23 19.46 1.56
CA GLN A 295 11.01 19.86 2.25
C GLN A 295 10.20 20.85 1.42
N ASP A 296 10.85 21.67 0.60
CA ASP A 296 10.14 22.60 -0.27
C ASP A 296 9.35 21.89 -1.38
N LEU A 297 9.96 20.90 -2.02
CA LEU A 297 9.27 20.20 -3.10
C LEU A 297 8.07 19.40 -2.58
N ILE A 298 8.24 18.78 -1.41
CA ILE A 298 7.19 17.99 -0.80
C ILE A 298 6.03 18.86 -0.30
N LYS A 299 6.31 20.00 0.34
CA LYS A 299 5.24 20.88 0.82
C LYS A 299 4.44 21.44 -0.37
N LEU A 300 5.13 21.63 -1.50
CA LEU A 300 4.52 22.22 -2.68
C LEU A 300 3.83 21.19 -3.55
N GLU A 301 4.05 19.93 -3.23
CA GLU A 301 3.52 18.88 -4.09
C GLU A 301 2.01 18.98 -4.17
N GLU A 302 1.41 19.44 -3.08
CA GLU A 302 -0.06 19.60 -2.96
C GLU A 302 -0.70 20.52 -4.00
N LYS A 303 0.09 21.37 -4.64
CA LYS A 303 -0.46 22.36 -5.56
C LYS A 303 -0.24 22.01 -7.04
N VAL A 304 0.38 20.86 -7.29
CA VAL A 304 0.83 20.58 -8.66
C VAL A 304 -0.36 20.30 -9.56
N LEU A 305 -1.25 19.42 -9.12
CA LEU A 305 -2.41 19.06 -9.95
C LEU A 305 -3.25 20.26 -10.36
N THR A 306 -3.61 20.33 -11.64
CA THR A 306 -4.49 21.38 -12.12
C THR A 306 -5.92 21.09 -11.67
N LEU A 307 -6.79 22.08 -11.76
CA LEU A 307 -8.18 21.86 -11.40
C LEU A 307 -8.81 20.85 -12.37
N GLU A 308 -8.40 20.86 -13.63
CA GLU A 308 -8.89 19.87 -14.59
C GLU A 308 -8.53 18.42 -14.18
N GLU A 309 -7.28 18.23 -13.76
CA GLU A 309 -6.81 16.92 -13.34
C GLU A 309 -7.61 16.43 -12.14
N ARG A 310 -7.85 17.33 -11.19
CA ARG A 310 -8.58 17.00 -9.98
C ARG A 310 -10.01 16.58 -10.31
N THR A 311 -10.66 17.34 -11.18
CA THR A 311 -12.00 17.02 -11.63
C THR A 311 -12.03 15.65 -12.29
N ASN A 312 -10.98 15.31 -13.02
CA ASN A 312 -10.92 14.02 -13.72
C ASN A 312 -10.39 12.90 -12.82
N LYS A 313 -10.40 13.17 -11.51
CA LYS A 313 -10.07 12.19 -10.47
C LYS A 313 -8.62 11.73 -10.48
N VAL A 314 -7.69 12.59 -10.87
CA VAL A 314 -6.28 12.30 -10.66
C VAL A 314 -5.98 12.62 -9.20
N MET A 315 -5.57 11.62 -8.42
CA MET A 315 -5.43 11.84 -6.98
C MET A 315 -4.09 12.47 -6.57
N PHE A 316 -3.03 12.06 -7.24
CA PHE A 316 -1.70 12.46 -6.87
C PHE A 316 -0.94 12.93 -8.11
N PRO A 317 -0.13 13.99 -7.96
CA PRO A 317 0.67 14.50 -9.08
C PRO A 317 1.84 13.59 -9.48
N PHE A 318 2.45 12.94 -8.51
CA PHE A 318 3.54 12.03 -8.82
C PHE A 318 3.26 10.64 -8.25
N GLY A 319 3.46 9.62 -9.07
CA GLY A 319 3.24 8.24 -8.63
C GLY A 319 3.87 7.31 -9.62
N PRO A 320 3.55 6.01 -9.52
CA PRO A 320 4.04 5.05 -10.50
C PRO A 320 3.63 5.46 -11.92
N THR A 321 4.49 5.23 -12.90
CA THR A 321 4.24 5.73 -14.24
C THR A 321 4.78 4.76 -15.28
N VAL A 322 4.27 4.86 -16.50
CA VAL A 322 4.84 4.12 -17.60
C VAL A 322 6.13 4.84 -17.97
N GLU A 323 7.27 4.15 -17.89
CA GLU A 323 8.55 4.84 -18.05
C GLU A 323 8.77 5.15 -19.53
N PRO A 324 9.17 6.39 -19.82
CA PRO A 324 9.20 6.86 -21.20
C PRO A 324 10.23 6.13 -22.08
N TYR A 325 11.23 5.52 -21.46
CA TYR A 325 12.25 4.76 -22.19
C TYR A 325 12.82 3.66 -21.28
N GLN A 326 13.52 2.69 -21.86
CA GLN A 326 14.01 1.56 -21.05
C GLN A 326 15.46 1.74 -20.56
N THR A 327 15.69 1.34 -19.32
CA THR A 327 16.97 1.40 -18.66
C THR A 327 17.22 0.05 -18.00
N ALA A 328 18.42 -0.16 -17.49
CA ALA A 328 18.73 -1.41 -16.81
C ALA A 328 17.77 -1.71 -15.65
N ASP A 329 17.31 -0.67 -14.96
CA ASP A 329 16.51 -0.89 -13.74
C ASP A 329 15.00 -0.66 -13.93
N CYS A 330 14.59 -0.39 -15.17
CA CYS A 330 13.20 -0.13 -15.52
C CYS A 330 12.23 -1.15 -14.90
N VAL A 331 11.15 -0.66 -14.31
CA VAL A 331 10.19 -1.52 -13.61
C VAL A 331 8.90 -1.61 -14.39
N LEU A 332 8.48 -0.47 -14.95
CA LEU A 332 7.20 -0.41 -15.66
C LEU A 332 7.35 0.04 -17.09
N PRO A 333 7.65 -0.91 -18.00
CA PRO A 333 7.89 -0.61 -19.42
C PRO A 333 6.64 -0.28 -20.22
N LYS A 334 5.47 -0.66 -19.71
CA LYS A 334 4.20 -0.35 -20.36
C LYS A 334 3.10 -0.29 -19.32
N HIS A 335 1.91 0.10 -19.75
CA HIS A 335 0.75 0.16 -18.85
C HIS A 335 0.52 -1.19 -18.18
N PRO A 336 0.14 -1.16 -16.88
CA PRO A 336 0.04 -2.35 -16.03
C PRO A 336 -0.88 -3.40 -16.64
N ARG A 337 -1.93 -2.95 -17.31
CA ARG A 337 -2.86 -3.86 -17.99
C ARG A 337 -2.10 -4.73 -19.00
N GLU A 338 -1.23 -4.09 -19.79
CA GLU A 338 -0.35 -4.82 -20.69
C GLU A 338 0.61 -5.73 -19.93
N MET A 339 1.15 -5.25 -18.82
CA MET A 339 2.12 -6.02 -18.06
C MET A 339 1.47 -7.26 -17.46
N VAL A 340 0.17 -7.19 -17.20
CA VAL A 340 -0.59 -8.36 -16.72
C VAL A 340 -0.53 -9.52 -17.72
N LYS A 341 -0.32 -9.20 -18.99
CA LYS A 341 -0.28 -10.21 -20.04
C LYS A 341 0.88 -11.19 -19.87
N THR A 342 2.02 -10.68 -19.43
CA THR A 342 3.24 -11.48 -19.43
C THR A 342 3.83 -11.66 -18.05
N ALA A 343 3.01 -11.48 -17.02
CA ALA A 343 3.53 -11.30 -15.66
C ALA A 343 3.77 -12.62 -14.96
N TRP A 344 5.01 -12.84 -14.53
CA TRP A 344 5.40 -14.03 -13.79
C TRP A 344 4.54 -14.21 -12.54
N GLY A 345 4.20 -13.09 -11.92
CA GLY A 345 3.36 -13.11 -10.73
C GLY A 345 1.96 -13.66 -10.92
N ASN A 346 1.50 -13.77 -12.17
CA ASN A 346 0.19 -14.37 -12.40
C ASN A 346 0.20 -15.84 -11.94
N SER A 347 1.39 -16.42 -11.83
CA SER A 347 1.52 -17.83 -11.51
C SER A 347 2.13 -18.12 -10.13
N ILE A 348 1.80 -17.30 -9.14
CA ILE A 348 2.06 -17.67 -7.76
C ILE A 348 0.73 -17.56 -7.03
N PRO A 349 0.58 -18.33 -5.92
CA PRO A 349 -0.64 -18.19 -5.11
C PRO A 349 -0.89 -16.74 -4.70
N THR A 350 -2.13 -16.28 -4.88
CA THR A 350 -2.52 -14.90 -4.68
C THR A 350 -3.72 -14.83 -3.78
N MET A 351 -3.74 -13.86 -2.86
CA MET A 351 -4.98 -13.56 -2.15
C MET A 351 -5.25 -12.07 -2.27
N MET A 352 -6.48 -11.73 -2.59
CA MET A 352 -6.94 -10.35 -2.68
C MET A 352 -8.17 -10.10 -1.80
N GLY A 353 -8.35 -8.86 -1.37
CA GLY A 353 -9.54 -8.52 -0.62
C GLY A 353 -9.73 -7.04 -0.43
N ASN A 354 -10.93 -6.67 0.00
CA ASN A 354 -11.29 -5.33 0.33
C ASN A 354 -12.08 -5.33 1.63
N THR A 355 -12.26 -4.16 2.23
CA THR A 355 -13.13 -4.01 3.40
C THR A 355 -14.59 -3.84 2.94
N SER A 356 -15.54 -3.92 3.87
CA SER A 356 -16.95 -3.95 3.48
C SER A 356 -17.55 -2.57 3.24
N TYR A 357 -16.84 -1.51 3.64
CA TYR A 357 -17.27 -0.18 3.28
C TYR A 357 -16.05 0.74 3.03
N GLU A 358 -15.26 0.40 2.02
CA GLU A 358 -14.03 1.11 1.67
C GLU A 358 -14.16 2.64 1.64
N GLY A 359 -15.13 3.14 0.88
CA GLY A 359 -15.28 4.55 0.57
C GLY A 359 -15.62 5.39 1.78
N LEU A 360 -15.95 4.72 2.88
CA LEU A 360 -16.18 5.43 4.14
C LEU A 360 -14.96 6.29 4.55
N PHE A 361 -13.81 5.95 3.96
CA PHE A 361 -12.50 6.57 4.14
C PHE A 361 -12.47 8.03 3.65
N PHE A 362 -13.47 8.39 2.85
CA PHE A 362 -13.47 9.69 2.19
C PHE A 362 -14.31 10.73 2.91
N THR A 363 -14.76 10.40 4.11
CA THR A 363 -15.56 11.30 4.94
C THR A 363 -14.91 12.68 5.12
N SER A 364 -13.70 12.72 5.67
CA SER A 364 -13.01 13.97 5.95
C SER A 364 -12.82 14.83 4.69
N ILE A 365 -12.64 14.18 3.54
CA ILE A 365 -12.50 14.93 2.30
C ILE A 365 -13.86 15.43 1.83
N LEU A 366 -14.89 14.59 1.97
CA LEU A 366 -16.24 15.01 1.63
C LEU A 366 -16.64 16.18 2.51
N LYS A 367 -16.24 16.11 3.78
CA LYS A 367 -16.59 17.17 4.73
C LYS A 367 -16.01 18.52 4.32
N GLN A 368 -14.84 18.52 3.70
CA GLN A 368 -14.20 19.77 3.33
C GLN A 368 -14.63 20.20 1.93
N MET A 369 -15.22 19.27 1.18
CA MET A 369 -15.70 19.58 -0.16
C MET A 369 -17.09 18.97 -0.39
N PRO A 370 -18.13 19.56 0.20
CA PRO A 370 -19.52 19.06 0.14
C PRO A 370 -20.07 19.01 -1.28
N LEU A 371 -19.58 19.92 -2.14
CA LEU A 371 -20.05 20.03 -3.52
C LEU A 371 -19.79 18.75 -4.30
N LEU A 372 -18.78 17.99 -3.88
CA LEU A 372 -18.43 16.73 -4.52
C LEU A 372 -19.61 15.79 -4.68
N VAL A 373 -20.54 15.84 -3.75
CA VAL A 373 -21.70 14.97 -3.81
C VAL A 373 -22.55 15.28 -5.04
N LYS A 374 -22.51 16.53 -5.51
CA LYS A 374 -23.30 16.91 -6.67
C LYS A 374 -22.78 16.23 -7.94
N GLU A 375 -21.54 15.76 -7.88
CA GLU A 375 -20.98 14.98 -8.99
C GLU A 375 -21.79 13.73 -9.29
N LEU A 376 -22.61 13.29 -8.34
CA LEU A 376 -23.39 12.08 -8.53
C LEU A 376 -24.68 12.35 -9.27
N GLU A 377 -24.95 13.63 -9.53
CA GLU A 377 -26.14 13.97 -10.29
C GLU A 377 -26.09 13.37 -11.68
N THR A 378 -24.91 13.31 -12.30
CA THR A 378 -24.78 12.58 -13.57
C THR A 378 -23.70 11.50 -13.50
N CYS A 379 -22.80 11.65 -12.53
CA CYS A 379 -21.67 10.73 -12.33
C CYS A 379 -20.66 10.73 -13.46
N VAL A 380 -20.70 11.71 -14.35
CA VAL A 380 -19.77 11.69 -15.47
C VAL A 380 -18.29 11.70 -15.04
N ASN A 381 -17.98 12.33 -13.90
CA ASN A 381 -16.58 12.46 -13.48
C ASN A 381 -15.99 11.14 -12.94
N PHE A 382 -16.83 10.12 -12.75
CA PHE A 382 -16.36 8.81 -12.30
C PHE A 382 -16.30 7.75 -13.40
N VAL A 383 -16.77 8.10 -14.59
CA VAL A 383 -16.56 7.23 -15.73
C VAL A 383 -15.07 7.00 -15.88
N PRO A 384 -14.63 5.75 -16.05
CA PRO A 384 -13.20 5.54 -16.26
C PRO A 384 -12.61 6.50 -17.31
N SER A 385 -11.47 7.14 -16.99
CA SER A 385 -10.92 8.21 -17.84
C SER A 385 -10.72 7.77 -19.30
N GLU A 386 -10.33 6.52 -19.52
CA GLU A 386 -10.01 6.06 -20.87
C GLU A 386 -11.27 6.05 -21.75
N LEU A 387 -12.44 5.92 -21.11
CA LEU A 387 -13.73 5.95 -21.79
C LEU A 387 -14.37 7.34 -21.92
N ALA A 388 -13.99 8.27 -21.03
CA ALA A 388 -14.66 9.58 -20.98
C ALA A 388 -14.03 10.53 -21.99
N ASP A 389 -14.82 11.46 -22.52
CA ASP A 389 -14.26 12.57 -23.29
C ASP A 389 -13.74 13.63 -22.34
N ALA A 390 -12.87 14.53 -22.82
CA ALA A 390 -12.16 15.47 -21.96
C ALA A 390 -13.10 16.38 -21.17
N GLU A 391 -14.12 16.90 -21.83
CA GLU A 391 -15.05 17.79 -21.15
C GLU A 391 -16.08 17.01 -20.34
N ARG A 392 -16.18 15.72 -20.63
CA ARG A 392 -17.19 14.84 -20.06
C ARG A 392 -18.61 15.39 -20.30
N THR A 393 -18.83 15.84 -21.54
CA THR A 393 -20.14 16.33 -21.99
C THR A 393 -20.71 15.50 -23.14
N ALA A 394 -19.91 14.59 -23.69
CA ALA A 394 -20.37 13.73 -24.75
C ALA A 394 -21.60 12.92 -24.31
N PRO A 395 -22.51 12.63 -25.24
CA PRO A 395 -23.68 11.87 -24.79
C PRO A 395 -23.30 10.47 -24.36
N GLU A 396 -22.28 9.88 -24.98
CA GLU A 396 -21.79 8.57 -24.56
C GLU A 396 -21.37 8.63 -23.09
N THR A 397 -20.72 9.70 -22.69
CA THR A 397 -20.24 9.87 -21.32
C THR A 397 -21.37 10.07 -20.32
N LEU A 398 -22.37 10.84 -20.71
CA LEU A 398 -23.58 10.93 -19.90
C LEU A 398 -24.30 9.56 -19.77
N GLU A 399 -24.29 8.76 -20.83
CA GLU A 399 -24.94 7.45 -20.78
C GLU A 399 -24.23 6.53 -19.79
N MET A 400 -22.91 6.52 -19.88
CA MET A 400 -22.05 5.70 -19.05
C MET A 400 -22.15 6.14 -17.60
N GLY A 401 -22.14 7.46 -17.37
CA GLY A 401 -22.38 8.02 -16.05
C GLY A 401 -23.72 7.58 -15.47
N ALA A 402 -24.76 7.53 -16.30
CA ALA A 402 -26.06 7.03 -15.86
C ALA A 402 -25.99 5.59 -15.34
N LYS A 403 -25.12 4.78 -15.92
CA LYS A 403 -25.02 3.40 -15.42
C LYS A 403 -24.49 3.37 -13.98
N ILE A 404 -23.48 4.19 -13.73
CA ILE A 404 -22.92 4.36 -12.38
C ILE A 404 -23.93 4.93 -11.40
N LYS A 405 -24.71 5.90 -11.87
CA LYS A 405 -25.70 6.54 -11.04
C LYS A 405 -26.75 5.52 -10.60
N LYS A 406 -27.17 4.69 -11.54
CA LYS A 406 -28.16 3.65 -11.28
C LYS A 406 -27.64 2.67 -10.23
N ALA A 407 -26.34 2.40 -10.29
CA ALA A 407 -25.72 1.49 -9.33
C ALA A 407 -25.60 2.03 -7.91
N HIS A 408 -25.45 3.34 -7.73
CA HIS A 408 -25.16 3.87 -6.39
C HIS A 408 -26.11 4.94 -5.84
N VAL A 409 -26.89 5.61 -6.69
CA VAL A 409 -27.76 6.65 -6.13
C VAL A 409 -29.13 6.05 -5.77
N THR A 410 -29.46 6.12 -4.48
CA THR A 410 -30.55 5.37 -3.89
C THR A 410 -31.89 6.12 -3.93
N GLY A 411 -31.84 7.45 -3.88
CA GLY A 411 -33.04 8.26 -3.95
C GLY A 411 -33.08 9.24 -5.11
N GLU A 412 -33.87 10.29 -4.95
CA GLU A 412 -34.05 11.30 -6.00
C GLU A 412 -32.86 12.25 -5.99
N THR A 413 -32.27 12.45 -4.81
CA THR A 413 -31.06 13.26 -4.71
C THR A 413 -29.93 12.43 -4.11
N PRO A 414 -28.72 12.54 -4.67
CA PRO A 414 -27.54 11.86 -4.12
C PRO A 414 -27.16 12.33 -2.72
N THR A 415 -26.73 11.40 -1.88
CA THR A 415 -26.31 11.68 -0.52
C THR A 415 -24.81 11.46 -0.32
N ALA A 416 -24.32 11.79 0.86
CA ALA A 416 -22.93 11.50 1.21
C ALA A 416 -22.65 10.00 1.14
N ASP A 417 -23.57 9.19 1.61
CA ASP A 417 -23.32 7.75 1.63
C ASP A 417 -23.31 7.15 0.24
N ASN A 418 -24.15 7.65 -0.66
CA ASN A 418 -24.13 7.20 -2.06
C ASN A 418 -22.75 7.47 -2.66
N PHE A 419 -22.21 8.65 -2.35
CA PHE A 419 -20.89 9.04 -2.79
C PHE A 419 -19.82 8.06 -2.32
N MET A 420 -19.84 7.75 -1.03
CA MET A 420 -18.78 6.90 -0.47
C MET A 420 -18.90 5.46 -0.97
N ASP A 421 -20.11 4.95 -1.09
CA ASP A 421 -20.33 3.67 -1.75
C ASP A 421 -19.80 3.62 -3.17
N LEU A 422 -20.05 4.67 -3.97
CA LEU A 422 -19.55 4.71 -5.34
C LEU A 422 -18.03 4.66 -5.31
N CYS A 423 -17.44 5.40 -4.37
CA CYS A 423 -16.01 5.44 -4.17
C CYS A 423 -15.44 4.02 -3.89
N SER A 424 -16.16 3.21 -3.12
CA SER A 424 -15.71 1.83 -2.88
C SER A 424 -15.42 1.09 -4.17
N HIS A 425 -16.27 1.30 -5.17
CA HIS A 425 -16.14 0.59 -6.44
C HIS A 425 -15.15 1.22 -7.42
N PHE A 426 -15.21 2.56 -7.54
CA PHE A 426 -14.33 3.31 -8.41
C PHE A 426 -12.88 3.06 -8.07
N TYR A 427 -12.57 3.12 -6.79
CA TYR A 427 -11.20 3.02 -6.36
C TYR A 427 -10.75 1.61 -6.02
N PHE A 428 -11.67 0.68 -5.76
CA PHE A 428 -11.24 -0.62 -5.25
C PHE A 428 -11.90 -1.84 -5.88
N TRP A 429 -13.21 -1.95 -5.78
CA TRP A 429 -13.88 -3.17 -6.24
C TRP A 429 -13.81 -3.33 -7.77
N PHE A 430 -14.09 -2.27 -8.52
CA PHE A 430 -14.08 -2.41 -9.97
C PHE A 430 -12.67 -2.72 -10.52
N PRO A 431 -11.62 -1.98 -10.08
CA PRO A 431 -10.29 -2.39 -10.57
C PRO A 431 -9.91 -3.83 -10.17
N MET A 432 -10.41 -4.32 -9.04
CA MET A 432 -10.11 -5.68 -8.64
C MET A 432 -10.73 -6.62 -9.67
N HIS A 433 -11.98 -6.33 -10.04
CA HIS A 433 -12.71 -7.12 -11.02
C HIS A 433 -11.98 -7.16 -12.34
N ARG A 434 -11.59 -5.99 -12.84
CA ARG A 434 -10.87 -5.95 -14.10
C ARG A 434 -9.59 -6.77 -14.05
N LEU A 435 -8.84 -6.64 -12.95
CA LEU A 435 -7.59 -7.41 -12.81
C LEU A 435 -7.87 -8.91 -12.82
N LEU A 436 -8.91 -9.33 -12.13
CA LEU A 436 -9.21 -10.75 -12.01
C LEU A 436 -9.50 -11.34 -13.40
N GLN A 437 -10.37 -10.68 -14.15
CA GLN A 437 -10.78 -11.17 -15.48
C GLN A 437 -9.60 -11.12 -16.46
N LEU A 438 -8.84 -10.04 -16.39
CA LEU A 438 -7.62 -9.91 -17.18
C LEU A 438 -6.59 -11.00 -16.87
N ARG A 439 -6.32 -11.18 -15.59
CA ARG A 439 -5.39 -12.21 -15.14
C ARG A 439 -5.81 -13.62 -15.58
N PHE A 440 -7.11 -13.88 -15.54
CA PHE A 440 -7.63 -15.20 -15.90
C PHE A 440 -7.27 -15.58 -17.34
N ASN A 441 -7.01 -14.59 -18.17
CA ASN A 441 -6.64 -14.87 -19.55
C ASN A 441 -5.14 -15.05 -19.73
N HIS A 442 -4.38 -15.07 -18.63
CA HIS A 442 -2.92 -15.15 -18.73
C HIS A 442 -2.29 -15.80 -17.49
N THR A 443 -2.76 -16.99 -17.11
CA THR A 443 -2.26 -17.63 -15.91
C THR A 443 -2.15 -19.16 -16.01
N SER A 444 -1.11 -19.70 -15.36
CA SER A 444 -0.84 -21.12 -15.33
C SER A 444 -1.98 -21.89 -14.68
N GLY A 445 -2.69 -21.20 -13.77
CA GLY A 445 -3.80 -21.83 -13.09
C GLY A 445 -3.64 -21.83 -11.57
N THR A 446 -2.61 -21.14 -11.08
CA THR A 446 -2.42 -20.97 -9.65
C THR A 446 -3.63 -20.21 -9.07
N PRO A 447 -4.04 -20.57 -7.85
CA PRO A 447 -5.28 -20.08 -7.25
C PRO A 447 -5.23 -18.61 -6.82
N VAL A 448 -6.36 -17.91 -6.94
CA VAL A 448 -6.53 -16.62 -6.28
C VAL A 448 -7.72 -16.68 -5.32
N TYR A 449 -7.49 -16.33 -4.05
CA TYR A 449 -8.53 -16.30 -3.02
C TYR A 449 -8.98 -14.89 -2.68
N LEU A 450 -10.28 -14.71 -2.46
CA LEU A 450 -10.86 -13.42 -2.11
C LEU A 450 -11.32 -13.40 -0.65
N TYR A 451 -10.94 -12.34 0.09
CA TYR A 451 -11.52 -12.10 1.42
C TYR A 451 -12.29 -10.80 1.38
N ARG A 452 -13.19 -10.62 2.35
CA ARG A 452 -13.91 -9.37 2.51
C ARG A 452 -13.90 -9.03 3.99
N PHE A 453 -13.17 -7.97 4.35
CA PHE A 453 -13.00 -7.64 5.76
C PHE A 453 -14.17 -6.80 6.27
N ASP A 454 -14.88 -7.39 7.23
CA ASP A 454 -16.19 -6.89 7.65
C ASP A 454 -16.30 -6.85 9.17
N PHE A 455 -15.17 -6.60 9.83
CA PHE A 455 -15.16 -6.54 11.30
C PHE A 455 -15.08 -5.11 11.79
N ASP A 456 -16.10 -4.64 12.49
CA ASP A 456 -16.19 -3.25 12.95
C ASP A 456 -16.01 -3.10 14.47
N SER A 457 -15.11 -2.22 14.89
CA SER A 457 -14.93 -1.96 16.31
C SER A 457 -14.36 -0.59 16.49
N GLU A 458 -14.74 0.07 17.59
CA GLU A 458 -14.20 1.36 17.94
C GLU A 458 -13.34 1.24 19.21
N ASP A 459 -13.23 0.02 19.72
CA ASP A 459 -12.47 -0.24 20.96
C ASP A 459 -10.98 -0.30 20.73
N LEU A 460 -10.61 -0.66 19.51
CA LEU A 460 -9.22 -0.70 19.10
C LEU A 460 -9.11 -0.03 17.75
N ILE A 461 -8.24 0.96 17.61
CA ILE A 461 -8.11 1.70 16.34
C ILE A 461 -6.67 1.92 15.87
N ASN A 462 -6.52 2.53 14.69
CA ASN A 462 -5.22 3.00 14.24
C ASN A 462 -5.32 4.48 13.80
N PRO A 463 -4.17 5.16 13.65
CA PRO A 463 -4.22 6.60 13.37
C PRO A 463 -4.98 7.03 12.11
N TYR A 464 -5.12 6.18 11.10
CA TYR A 464 -5.89 6.55 9.91
C TYR A 464 -7.35 6.91 10.20
N ARG A 465 -7.91 6.40 11.30
CA ARG A 465 -9.26 6.79 11.68
C ARG A 465 -9.30 8.27 12.11
N ILE A 466 -8.19 8.75 12.66
CA ILE A 466 -8.05 10.15 13.09
C ILE A 466 -7.91 11.04 11.87
N MET A 467 -7.32 10.49 10.82
CA MET A 467 -7.16 11.19 9.56
C MET A 467 -8.47 11.29 8.77
N ARG A 468 -9.23 10.19 8.72
CA ARG A 468 -10.48 10.18 7.96
C ARG A 468 -11.65 10.66 8.80
N SER A 469 -11.35 11.02 10.05
CA SER A 469 -12.37 11.46 11.01
C SER A 469 -13.52 10.46 11.12
N GLY A 470 -13.16 9.18 11.30
CA GLY A 470 -14.13 8.11 11.49
C GLY A 470 -14.37 7.77 12.94
N ARG A 471 -14.38 8.81 13.79
CA ARG A 471 -14.66 8.64 15.22
C ARG A 471 -16.15 8.86 15.50
N GLY A 472 -16.87 7.77 15.77
CA GLY A 472 -18.31 7.81 15.95
C GLY A 472 -19.03 7.32 14.70
N VAL A 473 -18.24 6.86 13.74
CA VAL A 473 -18.72 6.52 12.40
C VAL A 473 -18.80 5.01 12.22
N LYS A 474 -19.98 4.49 11.89
CA LYS A 474 -20.14 3.03 11.75
C LYS A 474 -19.79 2.54 10.36
N GLY A 475 -19.34 1.29 10.26
CA GLY A 475 -18.92 0.71 8.99
C GLY A 475 -17.41 0.44 8.97
N VAL A 476 -16.95 -0.30 7.98
CA VAL A 476 -15.56 -0.76 7.95
C VAL A 476 -14.78 -0.13 6.80
N SER A 477 -14.05 0.93 7.13
CA SER A 477 -13.42 1.79 6.12
C SER A 477 -12.14 1.18 5.56
N HIS A 478 -11.72 1.65 4.39
CA HIS A 478 -10.32 1.56 3.97
C HIS A 478 -9.38 1.78 5.17
N THR A 479 -8.39 0.91 5.31
CA THR A 479 -7.37 0.86 6.40
C THR A 479 -7.86 0.35 7.76
N ASP A 480 -9.16 0.12 7.91
CA ASP A 480 -9.65 -0.34 9.23
C ASP A 480 -9.04 -1.69 9.64
N GLU A 481 -8.62 -2.50 8.66
CA GLU A 481 -8.07 -3.81 8.98
C GLU A 481 -6.62 -3.78 9.48
N LEU A 482 -5.89 -2.67 9.25
CA LEU A 482 -4.52 -2.56 9.72
C LEU A 482 -4.40 -2.82 11.21
N THR A 483 -5.43 -2.42 11.94
CA THR A 483 -5.45 -2.50 13.40
C THR A 483 -5.28 -3.93 13.92
N TYR A 484 -5.72 -4.91 13.13
CA TYR A 484 -5.70 -6.30 13.58
C TYR A 484 -4.49 -7.04 13.05
N PHE A 485 -3.64 -6.30 12.33
CA PHE A 485 -2.39 -6.85 11.81
C PHE A 485 -1.13 -6.30 12.51
N PHE A 486 -1.15 -5.00 12.82
CA PHE A 486 0.05 -4.33 13.29
C PHE A 486 -0.21 -3.58 14.57
N TRP A 487 0.82 -3.45 15.41
CA TRP A 487 0.70 -2.61 16.58
C TRP A 487 0.81 -1.17 16.12
N ASN A 488 0.14 -0.27 16.83
CA ASN A 488 0.30 1.16 16.63
C ASN A 488 0.16 1.90 17.96
N GLN A 489 0.64 3.14 18.01
CA GLN A 489 0.78 3.83 19.30
C GLN A 489 -0.56 4.24 19.92
N LEU A 490 -1.66 4.00 19.23
CA LEU A 490 -2.99 4.22 19.79
C LEU A 490 -3.59 2.91 20.30
N ALA A 491 -2.89 1.81 20.07
CA ALA A 491 -3.40 0.51 20.48
C ALA A 491 -3.25 0.26 21.98
N LYS A 492 -4.01 -0.70 22.48
CA LYS A 492 -3.90 -1.13 23.88
C LYS A 492 -3.87 -2.64 23.99
N ARG A 493 -3.51 -3.15 25.16
CA ARG A 493 -3.67 -4.57 25.44
C ARG A 493 -5.16 -4.88 25.56
N MET A 494 -5.62 -5.86 24.79
CA MET A 494 -7.04 -6.23 24.81
C MET A 494 -7.25 -7.54 25.55
N PRO A 495 -8.45 -7.75 26.12
CA PRO A 495 -8.77 -9.01 26.80
C PRO A 495 -8.65 -10.20 25.88
N LYS A 496 -8.13 -11.31 26.40
CA LYS A 496 -7.92 -12.51 25.59
C LYS A 496 -9.18 -13.00 24.89
N GLU A 497 -10.35 -12.71 25.47
CA GLU A 497 -11.60 -13.23 24.92
C GLU A 497 -12.43 -12.13 24.23
N SER A 498 -11.81 -10.99 23.98
CA SER A 498 -12.50 -9.90 23.28
C SER A 498 -12.58 -10.17 21.78
N ARG A 499 -13.61 -9.63 21.15
CA ARG A 499 -13.77 -9.81 19.71
C ARG A 499 -12.60 -9.17 18.95
N GLU A 500 -11.99 -8.13 19.52
CA GLU A 500 -10.83 -7.50 18.88
C GLU A 500 -9.65 -8.45 18.93
N TYR A 501 -9.34 -8.96 20.12
CA TYR A 501 -8.23 -9.88 20.27
C TYR A 501 -8.36 -11.10 19.36
N LYS A 502 -9.57 -11.64 19.27
CA LYS A 502 -9.77 -12.86 18.47
C LYS A 502 -9.57 -12.57 16.98
N THR A 503 -9.89 -11.36 16.56
CA THR A 503 -9.73 -10.98 15.15
C THR A 503 -8.26 -10.86 14.80
N ILE A 504 -7.47 -10.29 15.73
CA ILE A 504 -6.02 -10.31 15.60
C ILE A 504 -5.49 -11.71 15.33
N GLU A 505 -5.90 -12.67 16.16
CA GLU A 505 -5.46 -14.06 16.00
C GLU A 505 -5.86 -14.63 14.64
N ARG A 506 -7.12 -14.43 14.25
CA ARG A 506 -7.60 -14.91 12.95
C ARG A 506 -6.83 -14.27 11.80
N MET A 507 -6.65 -12.95 11.84
CA MET A 507 -6.03 -12.26 10.69
C MET A 507 -4.55 -12.64 10.59
N THR A 508 -3.80 -12.51 11.68
CA THR A 508 -2.41 -12.95 11.64
C THR A 508 -2.34 -14.46 11.31
N GLY A 509 -3.33 -15.23 11.78
CA GLY A 509 -3.36 -16.66 11.51
C GLY A 509 -3.59 -17.03 10.05
N ILE A 510 -4.62 -16.45 9.43
CA ILE A 510 -4.89 -16.65 8.01
C ILE A 510 -3.71 -16.17 7.17
N TRP A 511 -3.15 -15.01 7.52
CA TRP A 511 -2.08 -14.46 6.71
C TRP A 511 -0.85 -15.37 6.80
N THR A 512 -0.53 -15.79 8.01
CA THR A 512 0.58 -16.71 8.26
C THR A 512 0.32 -18.06 7.58
N GLN A 513 -0.94 -18.52 7.61
CA GLN A 513 -1.28 -19.79 6.97
C GLN A 513 -1.03 -19.73 5.47
N PHE A 514 -1.57 -18.71 4.80
CA PHE A 514 -1.37 -18.51 3.37
C PHE A 514 0.10 -18.36 3.00
N ALA A 515 0.84 -17.61 3.82
CA ALA A 515 2.26 -17.40 3.59
C ALA A 515 2.98 -18.74 3.54
N THR A 516 2.63 -19.60 4.50
CA THR A 516 3.27 -20.89 4.63
C THR A 516 2.97 -21.82 3.46
N THR A 517 1.69 -21.98 3.16
CA THR A 517 1.22 -23.03 2.24
C THR A 517 0.63 -22.56 0.92
N GLY A 518 0.40 -21.26 0.77
CA GLY A 518 -0.27 -20.76 -0.43
C GLY A 518 -1.77 -21.04 -0.45
N ASN A 519 -2.28 -21.51 0.68
CA ASN A 519 -3.70 -21.79 0.89
C ASN A 519 -4.16 -21.22 2.23
N PRO A 520 -5.07 -20.24 2.20
CA PRO A 520 -5.36 -19.49 3.42
C PRO A 520 -6.21 -20.25 4.45
N TYR A 521 -6.66 -21.46 4.12
CA TYR A 521 -7.50 -22.20 5.05
C TYR A 521 -6.71 -22.99 6.07
N SER A 522 -7.20 -22.94 7.30
CA SER A 522 -6.70 -23.80 8.36
C SER A 522 -7.81 -24.07 9.37
N ASN A 523 -8.11 -25.33 9.66
CA ASN A 523 -9.17 -25.60 10.62
C ASN A 523 -8.69 -25.34 12.06
N GLU A 524 -7.41 -24.97 12.20
CA GLU A 524 -6.91 -24.62 13.52
C GLU A 524 -7.11 -23.14 13.80
N ILE A 525 -7.73 -22.43 12.87
CA ILE A 525 -8.10 -21.04 13.12
C ILE A 525 -9.53 -21.03 13.61
N GLU A 526 -9.74 -20.41 14.77
CA GLU A 526 -11.04 -20.37 15.42
C GLU A 526 -12.08 -19.64 14.57
N GLY A 527 -13.22 -20.27 14.34
CA GLY A 527 -14.27 -19.69 13.51
C GLY A 527 -14.31 -20.23 12.10
N MET A 528 -13.27 -20.95 11.69
CA MET A 528 -13.17 -21.51 10.35
C MET A 528 -13.67 -22.94 10.28
N GLU A 529 -14.34 -23.38 11.35
CA GLU A 529 -14.83 -24.77 11.48
C GLU A 529 -15.64 -25.23 10.26
N ASN A 530 -16.57 -24.39 9.82
CA ASN A 530 -17.45 -24.75 8.70
C ASN A 530 -17.07 -24.05 7.39
N VAL A 531 -15.90 -23.43 7.35
CA VAL A 531 -15.48 -22.73 6.15
C VAL A 531 -14.91 -23.70 5.10
N SER A 532 -15.39 -23.54 3.87
CA SER A 532 -14.77 -24.15 2.69
C SER A 532 -14.31 -23.02 1.76
N TRP A 533 -13.03 -22.68 1.80
CA TRP A 533 -12.54 -21.48 1.07
C TRP A 533 -11.93 -21.78 -0.29
N ASP A 534 -12.75 -21.76 -1.32
CA ASP A 534 -12.28 -22.06 -2.66
C ASP A 534 -11.84 -20.80 -3.38
N PRO A 535 -10.80 -20.92 -4.21
CA PRO A 535 -10.31 -19.79 -4.99
C PRO A 535 -11.25 -19.53 -6.16
N ILE A 536 -11.11 -18.38 -6.80
CA ILE A 536 -11.96 -18.02 -7.94
C ILE A 536 -11.56 -18.72 -9.25
N GLU A 537 -12.55 -19.16 -10.01
CA GLU A 537 -12.29 -19.77 -11.32
C GLU A 537 -12.77 -18.87 -12.45
N LYS A 538 -12.08 -18.96 -13.59
CA LYS A 538 -12.44 -18.20 -14.79
C LYS A 538 -13.90 -18.36 -15.16
N SER A 539 -14.47 -19.54 -14.89
CA SER A 539 -15.84 -19.81 -15.27
C SER A 539 -16.86 -19.20 -14.30
N ASP A 540 -16.39 -18.76 -13.14
CA ASP A 540 -17.29 -18.18 -12.13
C ASP A 540 -17.97 -16.91 -12.63
N GLU A 541 -19.29 -16.85 -12.48
CA GLU A 541 -20.01 -15.63 -12.81
C GLU A 541 -20.25 -14.78 -11.59
N VAL A 542 -20.07 -15.38 -10.42
CA VAL A 542 -20.26 -14.70 -9.15
C VAL A 542 -19.07 -15.01 -8.24
N TYR A 543 -18.39 -13.98 -7.75
CA TYR A 543 -17.22 -14.21 -6.90
C TYR A 543 -17.64 -14.70 -5.52
N LYS A 544 -16.90 -15.65 -4.96
CA LYS A 544 -17.09 -16.05 -3.58
C LYS A 544 -15.94 -15.55 -2.77
N CYS A 545 -16.23 -15.17 -1.52
CA CYS A 545 -15.21 -14.59 -0.65
C CYS A 545 -15.38 -15.01 0.80
N LEU A 546 -14.28 -15.06 1.54
CA LEU A 546 -14.42 -15.27 2.97
C LEU A 546 -14.78 -13.95 3.61
N ASN A 547 -16.03 -13.83 4.08
CA ASN A 547 -16.43 -12.63 4.82
C ASN A 547 -15.99 -12.72 6.26
N ILE A 548 -15.08 -11.81 6.63
CA ILE A 548 -14.47 -11.82 7.95
C ILE A 548 -15.16 -10.84 8.90
N SER A 549 -16.00 -11.36 9.78
CA SER A 549 -16.70 -10.51 10.74
C SER A 549 -16.51 -11.14 12.12
N ASP A 550 -17.42 -10.91 13.07
CA ASP A 550 -17.42 -11.71 14.29
C ASP A 550 -17.55 -13.20 13.93
N GLU A 551 -18.30 -13.49 12.86
CA GLU A 551 -18.34 -14.81 12.26
C GLU A 551 -17.52 -14.84 10.96
N LEU A 552 -16.85 -15.96 10.70
CA LEU A 552 -16.14 -16.20 9.46
C LEU A 552 -17.03 -17.01 8.52
N LYS A 553 -17.38 -16.46 7.35
CA LYS A 553 -18.41 -17.07 6.53
C LYS A 553 -18.13 -16.90 5.04
N MET A 554 -18.08 -18.01 4.31
CA MET A 554 -18.05 -17.94 2.85
C MET A 554 -19.40 -17.43 2.30
N ILE A 555 -19.35 -16.35 1.53
CA ILE A 555 -20.53 -15.77 0.91
C ILE A 555 -20.23 -15.32 -0.52
N ASP A 556 -21.27 -15.10 -1.30
CA ASP A 556 -21.09 -14.43 -2.58
C ASP A 556 -20.75 -12.98 -2.28
N VAL A 557 -19.80 -12.44 -3.05
CA VAL A 557 -19.44 -11.04 -2.91
C VAL A 557 -20.66 -10.15 -3.10
N PRO A 558 -21.03 -9.42 -2.03
CA PRO A 558 -22.23 -8.56 -2.06
C PRO A 558 -22.13 -7.50 -3.16
N GLU A 559 -20.91 -7.01 -3.36
CA GLU A 559 -20.68 -5.93 -4.32
C GLU A 559 -20.83 -6.38 -5.79
N MET A 560 -21.05 -7.68 -6.02
CA MET A 560 -21.01 -8.21 -7.38
C MET A 560 -21.99 -7.55 -8.36
N GLY A 561 -23.18 -7.23 -7.88
CA GLY A 561 -24.20 -6.64 -8.74
C GLY A 561 -23.73 -5.31 -9.30
N LYS A 562 -23.13 -4.50 -8.43
CA LYS A 562 -22.65 -3.19 -8.83
C LYS A 562 -21.40 -3.28 -9.70
N ILE A 563 -20.57 -4.28 -9.44
CA ILE A 563 -19.38 -4.55 -10.22
C ILE A 563 -19.79 -4.80 -11.69
N LYS A 564 -20.82 -5.62 -11.87
CA LYS A 564 -21.28 -5.93 -13.21
C LYS A 564 -21.82 -4.67 -13.88
N GLN A 565 -22.48 -3.85 -13.10
CA GLN A 565 -23.02 -2.60 -13.61
C GLN A 565 -21.88 -1.67 -14.07
N TRP A 566 -20.76 -1.63 -13.35
CA TRP A 566 -19.61 -0.82 -13.80
C TRP A 566 -19.07 -1.43 -15.09
N GLU A 567 -19.02 -2.76 -15.13
CA GLU A 567 -18.49 -3.47 -16.28
C GLU A 567 -19.31 -3.13 -17.55
N SER A 568 -20.60 -2.87 -17.38
CA SER A 568 -21.46 -2.64 -18.54
C SER A 568 -21.13 -1.33 -19.26
N MET A 569 -20.37 -0.46 -18.60
CA MET A 569 -19.95 0.76 -19.28
C MET A 569 -19.06 0.41 -20.47
N PHE A 570 -18.48 -0.78 -20.43
CA PHE A 570 -17.52 -1.21 -21.43
C PHE A 570 -18.16 -2.05 -22.55
N GLU A 571 -19.49 -2.05 -22.60
CA GLU A 571 -20.23 -2.92 -23.52
C GLU A 571 -19.82 -2.67 -24.98
N LYS A 572 -19.69 -1.40 -25.35
CA LYS A 572 -19.29 -1.04 -26.72
C LYS A 572 -17.79 -0.72 -26.85
N HIS A 573 -17.00 -1.07 -25.83
CA HIS A 573 -15.55 -0.87 -25.86
C HIS A 573 -14.87 -1.99 -25.09
N ARG A 574 -15.19 -3.23 -25.47
CA ARG A 574 -14.75 -4.40 -24.74
C ARG A 574 -13.23 -4.55 -24.71
N ASP A 575 -12.58 -4.07 -25.78
CA ASP A 575 -11.13 -4.13 -25.92
C ASP A 575 -10.40 -3.32 -24.83
N LEU A 576 -11.10 -2.37 -24.23
CA LEU A 576 -10.49 -1.50 -23.21
C LEU A 576 -10.75 -1.98 -21.78
N PHE A 577 -11.57 -3.02 -21.64
CA PHE A 577 -11.96 -3.52 -20.32
C PHE A 577 -10.78 -4.13 -19.56
C13 7N7 B . -5.35 7.63 -0.56
O01 7N7 B . -3.70 4.56 1.96
B02 7N7 B . -4.03 4.09 0.40
O03 7N7 B . -2.54 4.01 -0.35
C05 7N7 B . -4.91 5.28 -0.38
C06 7N7 B . -5.85 4.98 -1.39
C07 7N7 B . -6.56 6.09 -2.00
C08 7N7 B . -7.51 5.87 -3.00
C09 7N7 B . -8.18 6.94 -3.57
C10 7N7 B . -7.94 8.25 -3.16
C11 7N7 B . -7.01 8.46 -2.16
C12 7N7 B . -6.32 7.37 -1.58
C14 7N7 B . -4.66 6.59 0.04
#